data_6R9S
#
_entry.id   6R9S
#
_cell.length_a   57.382
_cell.length_b   57.382
_cell.length_c   88.119
_cell.angle_alpha   90.00
_cell.angle_beta   90.00
_cell.angle_gamma   90.00
#
_symmetry.space_group_name_H-M   'P 41 21 2'
#
loop_
_entity.id
_entity.type
_entity.pdbx_description
1 polymer 'Peptidyl-prolyl cis-trans isomerase F, mitochondrial'
2 non-polymer (1~{R},9~{R},10~{S})-4-fluoranyl-12-oxa-8-azatricyclo[7.3.1.0^{2,7}]trideca-2(7),3,5-trien-10-ol
3 non-polymer 'PENTAETHYLENE GLYCOL'
4 non-polymer 'TETRAETHYLENE GLYCOL'
5 non-polymer 'SULFATE ION'
6 water water
#
_entity_poly.entity_id   1
_entity_poly.type   'polypeptide(L)'
_entity_poly.pdbx_seq_one_letter_code
;GNPLVYLDVDANGKPLGRVVLELKADVVPKTAENFRALCTGEKGFGYKGSTFHRVIPSFMCQAGDFTNHNGTGGKSIYGS
RFPDENFTLKHVGPGVLSMANAGPNTNGSQFFICTIKTDWLDGKHVVFGHVIEGMDVVKKIESFGSKSGRTSKKIVITDC
GQLS
;
_entity_poly.pdbx_strand_id   A
#
# COMPACT_ATOMS: atom_id res chain seq x y z
N GLY A 1 -6.56 -19.89 4.64
CA GLY A 1 -5.58 -19.03 5.30
C GLY A 1 -5.54 -17.61 4.75
N ASN A 2 -4.45 -16.89 5.02
CA ASN A 2 -4.31 -15.48 4.58
C ASN A 2 -3.94 -15.34 3.10
N PRO A 3 -4.46 -14.33 2.38
CA PRO A 3 -4.03 -14.16 0.98
C PRO A 3 -2.59 -13.66 0.83
N LEU A 4 -1.99 -13.99 -0.31
CA LEU A 4 -0.70 -13.49 -0.76
C LEU A 4 -1.04 -12.69 -2.01
N VAL A 5 -0.65 -11.41 -2.04
CA VAL A 5 -0.86 -10.54 -3.20
C VAL A 5 0.48 -10.00 -3.68
N TYR A 6 0.52 -9.51 -4.92
CA TYR A 6 1.76 -8.98 -5.48
C TYR A 6 1.55 -7.65 -6.15
N LEU A 7 2.63 -6.86 -6.24
CA LEU A 7 2.71 -5.58 -6.94
C LEU A 7 4.01 -5.61 -7.74
N ASP A 8 3.89 -5.56 -9.09
CA ASP A 8 5.03 -5.46 -10.00
C ASP A 8 5.20 -4.00 -10.25
N VAL A 9 6.35 -3.48 -9.86
CA VAL A 9 6.59 -2.04 -9.92
C VAL A 9 7.66 -1.63 -10.94
N ASP A 10 7.41 -0.51 -11.64
CA ASP A 10 8.32 0.12 -12.60
C ASP A 10 8.78 1.47 -12.04
N ALA A 11 9.97 1.95 -12.46
CA ALA A 11 10.53 3.26 -12.15
C ALA A 11 10.95 3.83 -13.50
N ASN A 12 10.21 4.85 -14.02
CA ASN A 12 10.41 5.40 -15.36
C ASN A 12 10.42 4.31 -16.45
N GLY A 13 9.40 3.44 -16.44
CA GLY A 13 9.22 2.38 -17.43
C GLY A 13 10.16 1.18 -17.36
N LYS A 14 11.07 1.18 -16.37
CA LYS A 14 11.98 0.05 -16.20
C LYS A 14 11.58 -0.73 -14.95
N PRO A 15 11.35 -2.06 -15.08
CA PRO A 15 10.88 -2.85 -13.93
C PRO A 15 11.87 -2.98 -12.80
N LEU A 16 11.38 -2.86 -11.56
CA LEU A 16 12.17 -2.93 -10.34
C LEU A 16 12.03 -4.34 -9.73
N GLY A 17 10.92 -4.99 -10.04
CA GLY A 17 10.64 -6.31 -9.51
C GLY A 17 9.29 -6.39 -8.84
N ARG A 18 9.11 -7.45 -8.05
CA ARG A 18 7.83 -7.75 -7.39
C ARG A 18 7.89 -7.60 -5.88
N VAL A 19 6.88 -6.94 -5.31
CA VAL A 19 6.70 -6.87 -3.85
C VAL A 19 5.56 -7.86 -3.61
N VAL A 20 5.80 -8.85 -2.73
CA VAL A 20 4.78 -9.83 -2.33
C VAL A 20 4.35 -9.50 -0.92
N LEU A 21 3.05 -9.44 -0.69
CA LEU A 21 2.46 -9.06 0.58
C LEU A 21 1.53 -10.12 1.12
N GLU A 22 1.62 -10.36 2.44
CA GLU A 22 0.68 -11.23 3.13
C GLU A 22 -0.38 -10.30 3.71
N LEU A 23 -1.66 -10.57 3.42
CA LEU A 23 -2.75 -9.75 3.96
C LEU A 23 -3.31 -10.47 5.18
N LYS A 24 -3.26 -9.83 6.32
CA LYS A 24 -3.72 -10.41 7.57
C LYS A 24 -5.26 -10.44 7.69
N ALA A 25 -5.90 -11.25 6.82
CA ALA A 25 -7.37 -11.48 6.81
C ALA A 25 -7.82 -12.10 8.12
N ASP A 26 -6.92 -12.80 8.84
CA ASP A 26 -7.18 -13.42 10.15
C ASP A 26 -7.50 -12.36 11.22
N VAL A 27 -6.86 -11.19 11.14
CA VAL A 27 -7.02 -10.11 12.12
C VAL A 27 -7.94 -8.98 11.62
N VAL A 28 -7.76 -8.58 10.37
CA VAL A 28 -8.52 -7.48 9.76
C VAL A 28 -9.13 -7.95 8.42
N PRO A 29 -10.16 -8.83 8.47
CA PRO A 29 -10.75 -9.35 7.23
C PRO A 29 -11.31 -8.30 6.25
N LYS A 30 -11.98 -7.24 6.78
CA LYS A 30 -12.58 -6.19 5.93
C LYS A 30 -11.53 -5.39 5.17
N THR A 31 -10.46 -5.00 5.89
CA THR A 31 -9.33 -4.26 5.34
C THR A 31 -8.55 -5.15 4.37
N ALA A 32 -8.32 -6.43 4.71
CA ALA A 32 -7.57 -7.33 3.82
C ALA A 32 -8.34 -7.58 2.53
N GLU A 33 -9.67 -7.79 2.62
CA GLU A 33 -10.56 -8.02 1.49
C GLU A 33 -10.56 -6.82 0.55
N ASN A 34 -10.64 -5.60 1.12
CA ASN A 34 -10.56 -4.39 0.31
C ASN A 34 -9.28 -4.40 -0.56
N PHE A 35 -8.08 -4.56 0.06
CA PHE A 35 -6.79 -4.58 -0.67
C PHE A 35 -6.70 -5.69 -1.71
N ARG A 36 -7.12 -6.93 -1.32
CA ARG A 36 -7.08 -8.11 -2.18
C ARG A 36 -7.82 -7.86 -3.50
N ALA A 37 -9.10 -7.44 -3.40
CA ALA A 37 -9.99 -7.15 -4.55
C ALA A 37 -9.45 -6.00 -5.41
N LEU A 38 -8.77 -5.02 -4.77
CA LEU A 38 -8.17 -3.90 -5.49
C LEU A 38 -6.92 -4.36 -6.25
N CYS A 39 -6.22 -5.42 -5.78
CA CYS A 39 -5.06 -5.98 -6.49
C CYS A 39 -5.51 -6.76 -7.70
N THR A 40 -6.57 -7.58 -7.56
CA THR A 40 -7.11 -8.39 -8.67
C THR A 40 -7.86 -7.54 -9.65
N GLY A 41 -8.43 -6.43 -9.18
CA GLY A 41 -9.28 -5.52 -9.96
C GLY A 41 -10.66 -6.07 -10.27
N GLU A 42 -11.10 -7.14 -9.55
CA GLU A 42 -12.36 -7.84 -9.81
C GLU A 42 -13.64 -6.98 -9.67
N LYS A 43 -13.58 -5.85 -8.97
CA LYS A 43 -14.74 -4.96 -8.79
C LYS A 43 -14.85 -3.90 -9.91
N GLY A 44 -13.91 -3.93 -10.86
CA GLY A 44 -13.94 -3.01 -11.99
C GLY A 44 -13.02 -1.81 -11.84
N PHE A 45 -12.25 -1.79 -10.75
CA PHE A 45 -11.28 -0.73 -10.45
C PHE A 45 -10.24 -1.31 -9.48
N GLY A 46 -9.08 -0.69 -9.40
CA GLY A 46 -8.02 -1.16 -8.53
C GLY A 46 -6.69 -0.48 -8.74
N TYR A 47 -5.62 -1.11 -8.18
CA TYR A 47 -4.25 -0.59 -8.19
C TYR A 47 -3.49 -0.63 -9.52
N LYS A 48 -3.89 -1.49 -10.47
CA LYS A 48 -3.17 -1.64 -11.74
C LYS A 48 -3.10 -0.33 -12.52
N GLY A 49 -1.88 0.05 -12.89
CA GLY A 49 -1.64 1.27 -13.64
C GLY A 49 -1.51 2.53 -12.82
N SER A 50 -1.65 2.44 -11.47
CA SER A 50 -1.53 3.59 -10.58
C SER A 50 -0.09 3.71 -10.00
N THR A 51 0.18 4.73 -9.15
CA THR A 51 1.52 5.07 -8.68
C THR A 51 1.80 5.09 -7.17
N PHE A 52 3.11 5.16 -6.84
CA PHE A 52 3.61 5.46 -5.50
C PHE A 52 3.87 6.94 -5.63
N HIS A 53 2.91 7.76 -5.16
CA HIS A 53 2.90 9.22 -5.27
C HIS A 53 3.62 9.95 -4.11
N ARG A 54 3.69 9.33 -2.91
CA ARG A 54 4.28 9.96 -1.70
C ARG A 54 5.30 8.98 -1.12
N VAL A 55 6.58 9.22 -1.40
CA VAL A 55 7.66 8.36 -0.93
C VAL A 55 8.64 9.20 -0.13
N ILE A 56 8.80 8.84 1.15
CA ILE A 56 9.70 9.56 2.07
C ILE A 56 10.82 8.63 2.58
N PRO A 57 12.11 8.90 2.21
CA PRO A 57 13.23 8.09 2.73
C PRO A 57 13.23 8.03 4.25
N SER A 58 13.53 6.84 4.82
CA SER A 58 13.56 6.55 6.26
C SER A 58 12.18 6.67 6.92
N PHE A 59 11.11 6.44 6.16
CA PHE A 59 9.74 6.49 6.71
C PHE A 59 8.85 5.45 6.05
N MET A 60 8.31 5.78 4.85
CA MET A 60 7.43 4.85 4.12
C MET A 60 7.28 5.20 2.63
N CYS A 61 6.65 4.28 1.87
CA CYS A 61 6.32 4.39 0.44
C CYS A 61 4.80 4.28 0.37
N GLN A 62 4.12 5.37 -0.04
CA GLN A 62 2.66 5.46 -0.12
C GLN A 62 2.16 5.42 -1.55
N ALA A 63 1.08 4.65 -1.76
CA ALA A 63 0.43 4.43 -3.05
C ALA A 63 -1.06 4.26 -2.82
N GLY A 64 -1.77 3.88 -3.88
CA GLY A 64 -3.19 3.56 -3.78
C GLY A 64 -4.14 4.60 -4.28
N ASP A 65 -3.65 5.78 -4.71
CA ASP A 65 -4.55 6.79 -5.23
C ASP A 65 -4.73 6.59 -6.74
N PHE A 66 -5.61 5.65 -7.11
CA PHE A 66 -5.88 5.33 -8.51
C PHE A 66 -6.89 6.28 -9.15
N THR A 67 -7.48 7.21 -8.38
CA THR A 67 -8.44 8.14 -8.99
C THR A 67 -7.78 9.48 -9.34
N ASN A 68 -7.04 10.10 -8.40
CA ASN A 68 -6.43 11.42 -8.63
C ASN A 68 -4.91 11.39 -8.73
N HIS A 69 -4.28 10.25 -8.36
CA HIS A 69 -2.82 10.07 -8.46
C HIS A 69 -2.02 11.15 -7.69
N ASN A 70 -2.63 11.76 -6.64
CA ASN A 70 -1.95 12.84 -5.93
C ASN A 70 -2.12 12.85 -4.42
N GLY A 71 -2.82 11.85 -3.86
CA GLY A 71 -3.01 11.76 -2.42
C GLY A 71 -4.38 12.19 -1.90
N THR A 72 -5.24 12.71 -2.80
CA THR A 72 -6.58 13.16 -2.42
C THR A 72 -7.62 12.08 -2.72
N GLY A 73 -7.25 11.11 -3.53
CA GLY A 73 -8.22 10.15 -4.01
C GLY A 73 -8.13 8.71 -3.59
N GLY A 74 -8.54 7.87 -4.52
CA GLY A 74 -8.71 6.44 -4.35
C GLY A 74 -10.06 6.19 -3.68
N LYS A 75 -10.53 4.94 -3.73
CA LYS A 75 -11.79 4.54 -3.12
C LYS A 75 -11.75 3.08 -2.67
N SER A 76 -12.63 2.70 -1.74
CA SER A 76 -12.65 1.31 -1.34
C SER A 76 -13.71 0.53 -2.14
N ILE A 77 -13.71 -0.80 -1.98
CA ILE A 77 -14.70 -1.66 -2.64
C ILE A 77 -16.08 -1.47 -1.98
N TYR A 78 -16.12 -0.90 -0.75
CA TYR A 78 -17.38 -0.72 -0.01
C TYR A 78 -18.12 0.60 -0.31
N GLY A 79 -17.34 1.63 -0.58
CA GLY A 79 -17.79 2.99 -0.82
C GLY A 79 -16.59 3.91 -0.80
N SER A 80 -16.80 5.24 -0.68
CA SER A 80 -15.70 6.20 -0.73
C SER A 80 -14.73 6.10 0.45
N ARG A 81 -15.16 5.46 1.55
CA ARG A 81 -14.37 5.30 2.79
C ARG A 81 -14.99 4.23 3.65
N PHE A 82 -14.20 3.64 4.55
CA PHE A 82 -14.73 2.64 5.46
C PHE A 82 -14.06 2.78 6.84
N PRO A 83 -14.72 2.31 7.93
CA PRO A 83 -14.13 2.48 9.26
C PRO A 83 -12.78 1.82 9.49
N ASP A 84 -12.07 2.32 10.52
CA ASP A 84 -10.83 1.72 11.03
C ASP A 84 -11.30 0.42 11.67
N GLU A 85 -10.93 -0.74 11.07
CA GLU A 85 -11.41 -2.05 11.55
C GLU A 85 -11.00 -2.33 12.99
N ASN A 86 -9.71 -2.20 13.27
CA ASN A 86 -9.13 -2.37 14.61
C ASN A 86 -7.67 -1.95 14.53
N PHE A 87 -7.07 -1.76 15.70
CA PHE A 87 -5.68 -1.34 15.82
C PHE A 87 -4.81 -2.43 16.48
N THR A 88 -5.23 -3.70 16.34
CA THR A 88 -4.54 -4.85 16.95
C THR A 88 -3.10 -5.00 16.44
N LEU A 89 -2.88 -4.98 15.12
CA LEU A 89 -1.51 -5.13 14.59
C LEU A 89 -0.75 -3.82 14.72
N LYS A 90 0.51 -3.87 15.10
CA LYS A 90 1.34 -2.68 15.34
C LYS A 90 2.35 -2.43 14.19
N HIS A 91 2.83 -1.19 14.09
CA HIS A 91 3.84 -0.76 13.13
C HIS A 91 5.19 -1.14 13.80
N VAL A 92 5.52 -2.43 13.74
CA VAL A 92 6.66 -3.05 14.41
C VAL A 92 8.02 -2.85 13.72
N GLY A 93 8.02 -2.51 12.44
CA GLY A 93 9.27 -2.33 11.73
C GLY A 93 9.13 -2.22 10.23
N PRO A 94 10.28 -2.25 9.50
CA PRO A 94 10.22 -2.17 8.03
C PRO A 94 9.47 -3.36 7.46
N GLY A 95 8.72 -3.13 6.40
CA GLY A 95 7.92 -4.16 5.75
C GLY A 95 6.46 -4.18 6.13
N VAL A 96 6.06 -3.39 7.16
CA VAL A 96 4.67 -3.30 7.61
C VAL A 96 3.77 -2.66 6.52
N LEU A 97 2.64 -3.34 6.20
CA LEU A 97 1.64 -2.84 5.27
C LEU A 97 0.51 -2.25 6.13
N SER A 98 0.23 -0.95 5.94
CA SER A 98 -0.75 -0.20 6.72
C SER A 98 -1.64 0.71 5.84
N MET A 99 -2.84 1.09 6.34
CA MET A 99 -3.70 1.98 5.57
C MET A 99 -3.35 3.46 5.76
N ALA A 100 -3.28 4.20 4.66
CA ALA A 100 -3.10 5.64 4.68
C ALA A 100 -4.50 6.23 5.00
N ASN A 101 -4.55 7.39 5.66
CA ASN A 101 -5.86 7.98 5.96
C ASN A 101 -5.79 9.48 6.10
N ALA A 102 -6.96 10.12 6.28
CA ALA A 102 -7.05 11.55 6.48
C ALA A 102 -7.84 11.79 7.78
N GLY A 103 -7.49 11.05 8.83
CA GLY A 103 -8.15 11.14 10.12
C GLY A 103 -8.95 9.89 10.44
N PRO A 104 -9.59 9.80 11.64
CA PRO A 104 -10.34 8.57 11.97
C PRO A 104 -11.37 8.13 10.93
N ASN A 105 -11.45 6.81 10.65
CA ASN A 105 -12.46 6.23 9.74
C ASN A 105 -12.55 6.88 8.34
N THR A 106 -11.39 7.06 7.67
CA THR A 106 -11.32 7.63 6.33
C THR A 106 -10.50 6.69 5.40
N ASN A 107 -10.54 5.36 5.66
CA ASN A 107 -9.83 4.39 4.84
C ASN A 107 -10.48 4.33 3.48
N GLY A 108 -9.66 4.40 2.44
CA GLY A 108 -10.12 4.30 1.07
C GLY A 108 -9.40 3.14 0.42
N SER A 109 -8.42 3.49 -0.46
CA SER A 109 -7.52 2.56 -1.16
C SER A 109 -6.06 2.89 -0.90
N GLN A 110 -5.76 4.15 -0.54
CA GLN A 110 -4.38 4.56 -0.25
C GLN A 110 -3.79 3.73 0.88
N PHE A 111 -2.55 3.30 0.70
CA PHE A 111 -1.83 2.43 1.65
C PHE A 111 -0.39 2.80 1.66
N PHE A 112 0.37 2.26 2.63
CA PHE A 112 1.82 2.49 2.66
C PHE A 112 2.60 1.26 3.15
N ILE A 113 3.87 1.19 2.75
CA ILE A 113 4.81 0.14 3.17
C ILE A 113 5.92 0.87 3.93
N CYS A 114 6.04 0.58 5.24
CA CYS A 114 7.03 1.16 6.13
C CYS A 114 8.43 0.71 5.77
N THR A 115 9.38 1.62 5.91
CA THR A 115 10.80 1.32 5.71
C THR A 115 11.52 1.42 7.06
N ILE A 116 10.76 1.72 8.13
CA ILE A 116 11.25 1.82 9.52
C ILE A 116 10.12 1.42 10.47
N LYS A 117 10.41 1.35 11.79
CA LYS A 117 9.39 1.13 12.81
C LYS A 117 8.60 2.44 12.93
N THR A 118 7.31 2.44 12.57
CA THR A 118 6.56 3.70 12.65
C THR A 118 5.57 3.61 13.83
N ASP A 119 6.10 3.32 15.03
CA ASP A 119 5.31 3.09 16.25
C ASP A 119 4.30 4.20 16.62
N TRP A 120 4.60 5.47 16.30
CA TRP A 120 3.72 6.62 16.56
C TRP A 120 2.41 6.59 15.72
N LEU A 121 2.33 5.67 14.73
CA LEU A 121 1.14 5.49 13.93
C LEU A 121 0.18 4.43 14.54
N ASP A 122 0.63 3.69 15.60
CA ASP A 122 -0.21 2.70 16.30
C ASP A 122 -1.44 3.37 16.86
N GLY A 123 -2.62 2.79 16.61
CA GLY A 123 -3.89 3.38 17.08
C GLY A 123 -4.45 4.45 16.16
N LYS A 124 -3.70 4.84 15.11
CA LYS A 124 -4.11 5.85 14.13
C LYS A 124 -4.30 5.24 12.72
N HIS A 125 -3.39 4.35 12.32
CA HIS A 125 -3.42 3.70 11.01
C HIS A 125 -3.64 2.20 11.17
N VAL A 126 -4.51 1.63 10.34
CA VAL A 126 -4.80 0.20 10.44
C VAL A 126 -3.73 -0.63 9.72
N VAL A 127 -2.98 -1.40 10.49
CA VAL A 127 -1.97 -2.34 9.97
C VAL A 127 -2.77 -3.56 9.47
N PHE A 128 -2.45 -4.04 8.25
CA PHE A 128 -3.19 -5.20 7.70
C PHE A 128 -2.36 -6.21 6.93
N GLY A 129 -1.04 -6.07 6.96
CA GLY A 129 -0.15 -7.02 6.32
C GLY A 129 1.31 -6.70 6.46
N HIS A 130 2.14 -7.44 5.73
CA HIS A 130 3.58 -7.21 5.72
C HIS A 130 4.22 -7.73 4.44
N VAL A 131 5.45 -7.26 4.13
CA VAL A 131 6.23 -7.70 2.96
C VAL A 131 6.76 -9.12 3.22
N ILE A 132 6.45 -10.06 2.32
CA ILE A 132 6.92 -11.46 2.36
C ILE A 132 8.22 -11.53 1.55
N GLU A 133 8.23 -10.85 0.42
CA GLU A 133 9.36 -10.82 -0.49
C GLU A 133 9.35 -9.47 -1.21
N GLY A 134 10.51 -9.03 -1.64
CA GLY A 134 10.65 -7.80 -2.41
C GLY A 134 10.94 -6.55 -1.62
N MET A 135 11.55 -6.70 -0.43
CA MET A 135 11.96 -5.55 0.36
C MET A 135 13.08 -4.78 -0.42
N ASP A 136 13.86 -5.48 -1.27
CA ASP A 136 14.86 -4.83 -2.12
C ASP A 136 14.13 -3.87 -3.09
N VAL A 137 12.92 -4.25 -3.57
CA VAL A 137 12.09 -3.42 -4.47
C VAL A 137 11.59 -2.19 -3.69
N VAL A 138 11.09 -2.39 -2.46
CA VAL A 138 10.64 -1.32 -1.55
C VAL A 138 11.78 -0.35 -1.29
N LYS A 139 13.01 -0.88 -1.10
CA LYS A 139 14.20 -0.03 -0.87
C LYS A 139 14.55 0.79 -2.12
N LYS A 140 14.36 0.21 -3.35
CA LYS A 140 14.55 0.93 -4.62
C LYS A 140 13.52 2.04 -4.71
N ILE A 141 12.23 1.75 -4.42
CA ILE A 141 11.16 2.76 -4.40
C ILE A 141 11.54 3.90 -3.45
N GLU A 142 11.96 3.56 -2.23
CA GLU A 142 12.39 4.50 -1.19
C GLU A 142 13.48 5.47 -1.66
N SER A 143 14.48 4.96 -2.39
CA SER A 143 15.62 5.73 -2.88
C SER A 143 15.22 6.83 -3.91
N PHE A 144 13.99 6.73 -4.46
CA PHE A 144 13.45 7.70 -5.40
C PHE A 144 12.51 8.72 -4.73
N GLY A 145 12.51 8.72 -3.39
CA GLY A 145 11.71 9.64 -2.61
C GLY A 145 12.47 10.90 -2.24
N SER A 146 11.82 11.76 -1.46
CA SER A 146 12.38 13.01 -0.96
C SER A 146 11.61 13.35 0.33
N LYS A 147 12.09 14.36 1.10
CA LYS A 147 11.45 14.79 2.36
C LYS A 147 10.03 15.27 2.12
N SER A 148 9.77 15.88 0.94
CA SER A 148 8.43 16.38 0.57
C SER A 148 7.46 15.26 0.22
N GLY A 149 8.00 14.09 -0.11
CA GLY A 149 7.24 12.93 -0.56
C GLY A 149 7.29 12.81 -2.08
N ARG A 150 7.70 13.88 -2.78
CA ARG A 150 7.82 13.89 -4.26
C ARG A 150 8.81 12.83 -4.73
N THR A 151 8.44 12.08 -5.79
CA THR A 151 9.33 11.07 -6.35
C THR A 151 10.18 11.67 -7.48
N SER A 152 11.46 11.23 -7.56
CA SER A 152 12.40 11.69 -8.58
C SER A 152 12.19 10.91 -9.88
N LYS A 153 11.45 9.79 -9.82
CA LYS A 153 11.09 8.94 -10.95
C LYS A 153 9.60 8.59 -10.83
N LYS A 154 8.91 8.29 -11.95
CA LYS A 154 7.47 7.90 -11.91
C LYS A 154 7.42 6.43 -11.56
N ILE A 155 6.92 6.11 -10.36
N ILE A 155 6.90 6.11 -10.36
CA ILE A 155 6.86 4.76 -9.81
CA ILE A 155 6.83 4.77 -9.77
C ILE A 155 5.47 4.20 -10.01
C ILE A 155 5.44 4.21 -10.00
N VAL A 156 5.33 3.23 -10.90
CA VAL A 156 4.05 2.67 -11.31
C VAL A 156 3.89 1.21 -10.95
N ILE A 157 2.68 0.85 -10.47
CA ILE A 157 2.28 -0.54 -10.26
C ILE A 157 1.76 -0.99 -11.65
N THR A 158 2.61 -1.65 -12.43
CA THR A 158 2.28 -2.09 -13.80
C THR A 158 1.29 -3.26 -13.81
N ASP A 159 1.39 -4.14 -12.80
N ASP A 159 1.36 -4.13 -12.80
CA ASP A 159 0.56 -5.33 -12.62
CA ASP A 159 0.48 -5.28 -12.62
C ASP A 159 0.46 -5.62 -11.13
C ASP A 159 0.47 -5.66 -11.14
N CYS A 160 -0.64 -6.25 -10.71
CA CYS A 160 -0.88 -6.66 -9.33
C CYS A 160 -1.94 -7.73 -9.39
N GLY A 161 -2.02 -8.56 -8.37
CA GLY A 161 -3.02 -9.62 -8.33
C GLY A 161 -2.85 -10.49 -7.11
N GLN A 162 -3.51 -11.63 -7.09
CA GLN A 162 -3.46 -12.55 -5.99
C GLN A 162 -2.69 -13.79 -6.38
N LEU A 163 -1.75 -14.19 -5.52
CA LEU A 163 -0.96 -15.41 -5.72
C LEU A 163 -1.64 -16.62 -5.09
N SER A 164 -2.33 -16.44 -3.93
CA SER A 164 -3.03 -17.50 -3.21
C SER A 164 -3.97 -16.91 -2.17
#